data_5CJE
#
_entry.id   5CJE
#
_cell.length_a   110.184
_cell.length_b   50.585
_cell.length_c   74.638
_cell.angle_alpha   90.00
_cell.angle_beta   98.91
_cell.angle_gamma   90.00
#
_symmetry.space_group_name_H-M   'C 1 2 1'
#
loop_
_entity.id
_entity.type
_entity.pdbx_description
1 polymer 'Cytochrome P450 hydroxylase'
2 non-polymer GLYCEROL
3 non-polymer 'PROTOPORPHYRIN IX CONTAINING FE'
4 water water
#
_entity_poly.entity_id   1
_entity_poly.type   'polypeptide(L)'
_entity_poly.pdbx_seq_one_letter_code
;MGNVIDLGEYGARFTEDPYPVYAELRERGPVHWVRTPPPEAFEGWLVVGHEEARAALADPRLSKDGTKKGLTSLDVELMG
PYLLVVDPPEHTRLRSLVARAFTMRRVEALRPRIQEITDGLLDEMLPRGRADLVDSFAYPLPITVICELLGVPDIDRVTF
RALSNEIVAPTGGDAELAAYERLAAYLDELIDDKRSTAPADDLLGDLIRTRAEDDDRLSGEELRAMAFILLVAGHETTVN
LITNGVHTLLTHPDQLAALRADMTLLDGAVEEVLRFEGPVETATYRYAAESMEIGGTAIAEGDPVMIGLDAAGRDPARHP
DPHVFDIHRAPQGHLAFGHGIHYCLGAPLARLEARVALRSLLERCPDLALDGPPGARPPGMLIRGVRRLPVRW
;
_entity_poly.pdbx_strand_id   A
#
# COMPACT_ATOMS: atom_id res chain seq x y z
N VAL A 4 26.17 9.23 -8.42
CA VAL A 4 24.82 9.60 -7.91
C VAL A 4 23.89 10.08 -9.04
N ILE A 5 22.64 9.67 -8.99
CA ILE A 5 21.58 10.27 -9.81
C ILE A 5 20.56 10.90 -8.84
N ASP A 6 20.59 12.22 -8.79
CA ASP A 6 19.67 12.97 -7.96
C ASP A 6 18.32 13.05 -8.67
N LEU A 7 17.32 12.36 -8.16
CA LEU A 7 16.02 12.32 -8.82
C LEU A 7 15.20 13.58 -8.60
N GLY A 8 15.61 14.39 -7.60
CA GLY A 8 15.04 15.71 -7.39
C GLY A 8 15.33 16.64 -8.56
N GLU A 9 16.42 16.40 -9.28
CA GLU A 9 16.75 17.16 -10.49
C GLU A 9 15.71 17.10 -11.60
N TYR A 10 14.95 16.00 -11.69
CA TYR A 10 13.85 15.88 -12.67
C TYR A 10 12.57 16.60 -12.26
N GLY A 11 12.55 17.13 -11.04
CA GLY A 11 11.51 18.01 -10.60
C GLY A 11 10.16 17.33 -10.50
N ALA A 12 9.11 18.12 -10.71
CA ALA A 12 7.75 17.63 -10.55
C ALA A 12 7.30 16.70 -11.66
N ARG A 13 8.02 16.71 -12.78
CA ARG A 13 7.71 15.82 -13.91
C ARG A 13 7.80 14.37 -13.48
N PHE A 14 8.80 14.09 -12.66
CA PHE A 14 9.05 12.76 -12.16
C PHE A 14 8.00 12.28 -11.17
N THR A 15 7.62 13.16 -10.25
CA THR A 15 6.45 13.01 -9.37
C THR A 15 5.15 12.71 -10.12
N GLU A 16 4.91 13.47 -11.18
CA GLU A 16 3.72 13.33 -11.98
C GLU A 16 3.78 12.02 -12.79
N ASP A 17 4.90 11.79 -13.49
CA ASP A 17 5.08 10.65 -14.39
C ASP A 17 6.53 10.13 -14.31
N PRO A 18 6.79 9.18 -13.38
CA PRO A 18 8.16 8.72 -13.20
C PRO A 18 8.69 7.79 -14.29
N TYR A 19 7.82 7.23 -15.12
CA TYR A 19 8.17 6.08 -15.94
C TYR A 19 9.23 6.31 -17.02
N PRO A 20 9.22 7.48 -17.67
CA PRO A 20 10.32 7.82 -18.57
C PRO A 20 11.68 7.74 -17.89
N VAL A 21 11.78 8.26 -16.68
CA VAL A 21 13.04 8.19 -15.96
C VAL A 21 13.40 6.74 -15.61
N TYR A 22 12.46 5.96 -15.07
CA TYR A 22 12.75 4.52 -14.85
C TYR A 22 13.22 3.81 -16.10
N ALA A 23 12.63 4.17 -17.24
CA ALA A 23 13.05 3.63 -18.53
C ALA A 23 14.47 4.04 -18.88
N GLU A 24 14.80 5.32 -18.64
CA GLU A 24 16.17 5.85 -18.85
C GLU A 24 17.17 5.03 -18.08
N LEU A 25 16.83 4.74 -16.83
CA LEU A 25 17.69 3.96 -15.95
C LEU A 25 17.76 2.48 -16.32
N ARG A 26 16.63 1.88 -16.68
CA ARG A 26 16.56 0.45 -16.98
C ARG A 26 17.35 0.07 -18.23
N GLU A 27 17.41 0.98 -19.19
CA GLU A 27 18.29 0.87 -20.33
C GLU A 27 19.77 0.79 -19.91
N ARG A 28 20.15 1.53 -18.88
CA ARG A 28 21.54 1.60 -18.37
C ARG A 28 21.86 0.54 -17.31
N GLY A 29 20.90 -0.31 -16.97
CA GLY A 29 21.15 -1.42 -16.09
C GLY A 29 20.07 -1.60 -15.03
N PRO A 30 20.06 -2.77 -14.39
CA PRO A 30 18.99 -3.12 -13.45
C PRO A 30 18.98 -2.39 -12.11
N VAL A 31 20.09 -1.76 -11.71
CA VAL A 31 20.21 -1.16 -10.40
C VAL A 31 21.15 0.04 -10.48
N HIS A 32 20.89 1.06 -9.66
CA HIS A 32 21.61 2.34 -9.67
C HIS A 32 21.55 3.05 -8.30
N TRP A 33 22.64 3.74 -7.94
CA TRP A 33 22.72 4.59 -6.73
C TRP A 33 22.07 5.95 -7.00
N VAL A 34 21.07 6.30 -6.20
CA VAL A 34 20.26 7.50 -6.46
C VAL A 34 19.98 8.28 -5.19
N ARG A 35 19.60 9.55 -5.35
CA ARG A 35 18.99 10.34 -4.29
C ARG A 35 17.52 10.55 -4.66
N THR A 36 16.62 10.26 -3.71
CA THR A 36 15.18 10.40 -3.93
C THR A 36 14.86 11.88 -3.90
N PRO A 37 13.70 12.27 -4.46
CA PRO A 37 13.38 13.71 -4.41
C PRO A 37 13.13 14.19 -3.00
N PRO A 38 13.16 15.53 -2.80
CA PRO A 38 12.70 16.06 -1.51
C PRO A 38 11.21 15.76 -1.24
N PRO A 39 10.76 15.87 0.00
CA PRO A 39 11.59 16.19 1.17
C PRO A 39 12.53 15.05 1.61
N GLU A 40 12.17 13.79 1.32
CA GLU A 40 12.96 12.57 1.66
C GLU A 40 14.48 12.67 1.43
N ALA A 41 14.92 12.87 0.19
CA ALA A 41 16.37 12.99 -0.17
C ALA A 41 17.24 11.82 0.33
N PHE A 42 16.65 10.63 0.31
CA PHE A 42 17.28 9.42 0.80
C PHE A 42 18.18 8.87 -0.31
N GLU A 43 19.40 8.47 0.06
CA GLU A 43 20.33 7.82 -0.86
C GLU A 43 20.38 6.30 -0.72
N GLY A 44 20.47 5.63 -1.86
CA GLY A 44 20.62 4.18 -1.87
C GLY A 44 20.43 3.56 -3.25
N TRP A 45 20.59 2.23 -3.31
CA TRP A 45 20.41 1.49 -4.58
C TRP A 45 18.95 1.38 -4.87
N LEU A 46 18.57 1.80 -6.08
CA LEU A 46 17.24 1.62 -6.63
C LEU A 46 17.25 0.54 -7.72
N VAL A 47 16.43 -0.47 -7.50
CA VAL A 47 16.24 -1.57 -8.44
C VAL A 47 15.04 -1.28 -9.36
N VAL A 48 15.31 -1.25 -10.68
CA VAL A 48 14.33 -0.86 -11.71
C VAL A 48 13.96 -1.96 -12.75
N GLY A 49 14.64 -3.10 -12.73
CA GLY A 49 14.28 -4.24 -13.59
C GLY A 49 13.48 -5.29 -12.81
N HIS A 50 12.58 -6.00 -13.50
CA HIS A 50 11.64 -6.90 -12.87
C HIS A 50 12.31 -8.11 -12.23
N GLU A 51 13.13 -8.82 -13.00
CA GLU A 51 13.79 -10.04 -12.57
C GLU A 51 14.68 -9.76 -11.36
N GLU A 52 15.36 -8.62 -11.34
CA GLU A 52 16.27 -8.32 -10.23
C GLU A 52 15.50 -7.80 -9.00
N ALA A 53 14.45 -7.03 -9.24
CA ALA A 53 13.48 -6.63 -8.22
C ALA A 53 12.86 -7.84 -7.52
N ARG A 54 12.33 -8.75 -8.33
CA ARG A 54 11.72 -9.95 -7.84
C ARG A 54 12.71 -10.71 -6.94
N ALA A 55 13.91 -10.97 -7.47
CA ALA A 55 14.95 -11.75 -6.73
C ALA A 55 15.37 -11.00 -5.49
N ALA A 56 15.51 -9.69 -5.60
CA ALA A 56 15.80 -8.86 -4.43
C ALA A 56 14.75 -9.04 -3.33
N LEU A 57 13.47 -9.01 -3.71
CA LEU A 57 12.40 -9.22 -2.74
C LEU A 57 12.47 -10.60 -2.01
N ALA A 58 13.05 -11.62 -2.63
CA ALA A 58 13.19 -12.96 -2.01
C ALA A 58 14.57 -13.22 -1.40
N ASP A 59 15.44 -12.22 -1.33
CA ASP A 59 16.83 -12.48 -0.99
C ASP A 59 17.03 -12.37 0.54
N PRO A 60 17.50 -13.47 1.19
CA PRO A 60 17.77 -13.45 2.65
C PRO A 60 18.92 -12.54 3.09
N ARG A 61 19.72 -12.04 2.14
CA ARG A 61 20.84 -11.17 2.44
C ARG A 61 20.40 -9.74 2.67
N LEU A 62 19.17 -9.42 2.28
CA LEU A 62 18.57 -8.09 2.60
C LEU A 62 17.73 -8.12 3.85
N SER A 63 18.22 -7.46 4.89
CA SER A 63 17.52 -7.36 6.14
C SER A 63 16.56 -6.17 6.00
N LYS A 64 15.40 -6.26 6.66
CA LYS A 64 14.52 -5.11 6.91
C LYS A 64 14.71 -4.46 8.29
N ASP A 65 15.61 -5.00 9.12
CA ASP A 65 15.71 -4.64 10.56
C ASP A 65 16.92 -3.76 10.77
N GLY A 66 16.71 -2.45 10.76
CA GLY A 66 17.78 -1.47 10.95
C GLY A 66 18.49 -1.49 12.30
N THR A 67 17.82 -2.02 13.33
CA THR A 67 18.40 -2.14 14.69
C THR A 67 19.54 -3.16 14.80
N LYS A 68 19.62 -4.10 13.87
CA LYS A 68 20.80 -4.96 13.74
C LYS A 68 22.08 -4.18 13.45
N LYS A 69 21.95 -3.04 12.77
CA LYS A 69 23.05 -2.10 12.56
C LYS A 69 23.02 -0.92 13.55
N GLY A 70 22.39 -1.07 14.71
CA GLY A 70 22.21 0.05 15.65
C GLY A 70 21.35 1.23 15.18
N LEU A 71 20.75 1.12 14.00
CA LEU A 71 19.97 2.19 13.43
C LEU A 71 18.56 2.14 14.04
N THR A 72 17.94 3.31 14.14
CA THR A 72 16.64 3.44 14.77
C THR A 72 15.76 4.33 13.92
N SER A 73 14.47 4.08 13.96
CA SER A 73 13.51 4.93 13.25
C SER A 73 12.29 5.17 14.13
N LEU A 74 11.51 6.14 13.71
CA LEU A 74 10.42 6.64 14.55
C LEU A 74 9.34 5.59 14.70
N ASP A 75 8.99 4.95 13.61
CA ASP A 75 8.05 3.84 13.70
C ASP A 75 8.47 2.81 14.76
N VAL A 76 9.72 2.41 14.73
CA VAL A 76 10.17 1.30 15.56
C VAL A 76 10.20 1.69 17.03
N GLU A 77 10.67 2.89 17.32
CA GLU A 77 10.79 3.28 18.71
C GLU A 77 9.45 3.65 19.30
N LEU A 78 8.57 4.26 18.51
CA LEU A 78 7.26 4.73 19.01
C LEU A 78 6.10 3.75 18.84
N MET A 79 6.10 2.98 17.75
CA MET A 79 5.06 1.97 17.59
C MET A 79 5.55 0.61 18.06
N GLY A 80 6.74 0.20 17.66
CA GLY A 80 7.28 -1.06 18.11
C GLY A 80 7.73 -1.87 16.91
N PRO A 81 8.13 -3.12 17.17
CA PRO A 81 8.48 -3.98 16.02
C PRO A 81 7.22 -4.56 15.36
N TYR A 82 7.11 -4.35 14.06
CA TYR A 82 6.04 -4.90 13.25
C TYR A 82 6.65 -5.56 12.02
N LEU A 83 5.80 -6.23 11.24
CA LEU A 83 6.25 -7.21 10.23
C LEU A 83 7.30 -6.69 9.23
N LEU A 84 7.14 -5.45 8.82
CA LEU A 84 8.01 -4.87 7.81
C LEU A 84 9.31 -4.37 8.35
N VAL A 85 9.57 -4.48 9.66
CA VAL A 85 10.90 -4.10 10.18
C VAL A 85 11.57 -5.22 10.99
N VAL A 86 11.26 -6.47 10.64
CA VAL A 86 11.83 -7.62 11.34
C VAL A 86 12.16 -8.70 10.33
N ASP A 87 13.20 -9.46 10.65
CA ASP A 87 13.64 -10.58 9.86
C ASP A 87 13.16 -11.85 10.53
N PRO A 88 13.17 -12.97 9.81
CA PRO A 88 13.00 -14.24 10.55
C PRO A 88 14.12 -14.36 11.60
N PRO A 89 13.89 -14.99 12.74
CA PRO A 89 12.68 -15.73 13.07
C PRO A 89 11.55 -14.91 13.67
N GLU A 90 11.76 -13.64 14.00
CA GLU A 90 10.73 -12.83 14.68
C GLU A 90 9.56 -12.56 13.77
N HIS A 91 9.90 -12.21 12.53
CA HIS A 91 8.94 -12.06 11.46
C HIS A 91 7.96 -13.24 11.35
N THR A 92 8.53 -14.44 11.42
CA THR A 92 7.79 -15.68 11.27
C THR A 92 6.75 -15.79 12.39
N ARG A 93 7.15 -15.38 13.60
CA ARG A 93 6.28 -15.46 14.74
C ARG A 93 5.08 -14.57 14.52
N LEU A 94 5.36 -13.30 14.27
CA LEU A 94 4.34 -12.27 14.15
C LEU A 94 3.40 -12.55 13.02
N ARG A 95 3.96 -12.92 11.88
CA ARG A 95 3.13 -13.24 10.75
C ARG A 95 2.18 -14.42 11.01
N SER A 96 2.62 -15.45 11.73
CA SER A 96 1.74 -16.57 12.16
C SER A 96 0.48 -16.17 12.88
N LEU A 97 0.60 -15.12 13.69
CA LEU A 97 -0.50 -14.66 14.50
C LEU A 97 -1.69 -14.17 13.68
N VAL A 98 -1.41 -13.63 12.51
CA VAL A 98 -2.41 -12.92 11.70
C VAL A 98 -2.68 -13.53 10.30
N ALA A 99 -1.84 -14.45 9.83
CA ALA A 99 -1.92 -14.90 8.45
C ALA A 99 -3.26 -15.56 8.11
N ARG A 100 -3.75 -16.42 9.02
CA ARG A 100 -5.02 -17.08 8.82
C ARG A 100 -6.17 -16.08 8.63
N ALA A 101 -6.16 -14.98 9.37
CA ALA A 101 -7.22 -14.01 9.22
C ALA A 101 -7.38 -13.39 7.82
N PHE A 102 -6.36 -13.44 6.97
CA PHE A 102 -6.29 -12.64 5.71
C PHE A 102 -6.25 -13.43 4.38
N THR A 103 -6.50 -14.74 4.44
CA THR A 103 -6.76 -15.54 3.25
C THR A 103 -8.05 -15.08 2.59
N MET A 104 -8.17 -15.36 1.30
CA MET A 104 -9.37 -14.97 0.54
C MET A 104 -10.61 -15.64 1.09
N ARG A 105 -10.51 -16.91 1.52
CA ARG A 105 -11.73 -17.58 2.00
C ARG A 105 -12.31 -16.89 3.22
N ARG A 106 -11.43 -16.55 4.13
CA ARG A 106 -11.80 -15.92 5.38
C ARG A 106 -12.30 -14.50 5.15
N VAL A 107 -11.69 -13.82 4.21
CA VAL A 107 -11.96 -12.42 3.91
C VAL A 107 -13.30 -12.20 3.18
N GLU A 108 -13.73 -13.20 2.42
CA GLU A 108 -15.04 -13.28 1.79
C GLU A 108 -16.20 -13.28 2.78
N ALA A 109 -15.98 -13.73 4.01
CA ALA A 109 -17.03 -13.58 5.00
C ALA A 109 -17.43 -12.08 5.14
N LEU A 110 -16.54 -11.15 4.81
CA LEU A 110 -16.82 -9.70 4.89
C LEU A 110 -17.56 -9.11 3.70
N ARG A 111 -17.66 -9.84 2.61
CA ARG A 111 -18.28 -9.32 1.41
C ARG A 111 -19.63 -8.62 1.64
N PRO A 112 -20.57 -9.29 2.31
CA PRO A 112 -21.85 -8.58 2.47
C PRO A 112 -21.73 -7.20 3.15
N ARG A 113 -20.90 -7.09 4.19
CA ARG A 113 -20.68 -5.79 4.85
C ARG A 113 -19.99 -4.78 3.89
N ILE A 114 -19.01 -5.26 3.13
CA ILE A 114 -18.33 -4.43 2.15
C ILE A 114 -19.31 -3.93 1.08
N GLN A 115 -20.11 -4.85 0.53
CA GLN A 115 -21.18 -4.50 -0.41
C GLN A 115 -22.13 -3.47 0.16
N GLU A 116 -22.45 -3.62 1.44
CA GLU A 116 -23.40 -2.74 2.14
C GLU A 116 -22.80 -1.34 2.36
N ILE A 117 -21.56 -1.27 2.81
CA ILE A 117 -20.85 0.03 2.94
C ILE A 117 -20.78 0.73 1.57
N THR A 118 -20.38 -0.04 0.56
CA THR A 118 -20.34 0.44 -0.82
C THR A 118 -21.70 0.98 -1.31
N ASP A 119 -22.78 0.23 -1.09
CA ASP A 119 -24.13 0.70 -1.46
C ASP A 119 -24.49 2.00 -0.74
N GLY A 120 -24.23 2.09 0.55
CA GLY A 120 -24.49 3.33 1.28
C GLY A 120 -23.75 4.55 0.74
N LEU A 121 -22.46 4.40 0.52
CA LEU A 121 -21.65 5.54 0.07
C LEU A 121 -22.11 6.02 -1.29
N LEU A 122 -22.44 5.05 -2.16
CA LEU A 122 -23.04 5.35 -3.46
C LEU A 122 -24.42 6.01 -3.36
N ASP A 123 -25.28 5.50 -2.49
CA ASP A 123 -26.59 6.13 -2.20
C ASP A 123 -26.48 7.63 -1.89
N GLU A 124 -25.45 7.98 -1.11
CA GLU A 124 -25.24 9.35 -0.65
C GLU A 124 -24.65 10.20 -1.74
N MET A 125 -23.76 9.63 -2.56
CA MET A 125 -22.97 10.38 -3.54
C MET A 125 -23.72 10.65 -4.85
N LEU A 126 -24.42 9.65 -5.35
CA LEU A 126 -25.05 9.72 -6.67
C LEU A 126 -26.01 10.87 -6.95
N PRO A 127 -26.88 11.25 -5.99
CA PRO A 127 -27.78 12.39 -6.24
C PRO A 127 -27.08 13.70 -6.54
N ARG A 128 -25.84 13.87 -6.06
CA ARG A 128 -25.08 15.07 -6.32
C ARG A 128 -24.69 15.26 -7.79
N GLY A 129 -24.74 14.20 -8.61
CA GLY A 129 -24.36 14.29 -10.03
C GLY A 129 -22.88 14.43 -10.37
N ARG A 130 -22.12 14.96 -9.41
CA ARG A 130 -20.65 14.96 -9.48
C ARG A 130 -20.05 14.97 -8.05
N ALA A 131 -18.78 14.58 -7.94
CA ALA A 131 -18.10 14.53 -6.64
C ALA A 131 -16.60 14.31 -6.79
N ASP A 132 -15.87 14.52 -5.71
CA ASP A 132 -14.54 13.96 -5.55
C ASP A 132 -14.71 12.49 -5.17
N LEU A 133 -14.34 11.61 -6.07
CA LEU A 133 -14.40 10.17 -5.83
C LEU A 133 -13.70 9.81 -4.53
N VAL A 134 -12.58 10.47 -4.23
CA VAL A 134 -11.77 10.07 -3.07
C VAL A 134 -12.55 10.22 -1.77
N ASP A 135 -13.08 11.41 -1.52
CA ASP A 135 -13.78 11.71 -0.25
C ASP A 135 -15.14 11.05 -0.10
N SER A 136 -15.87 10.96 -1.20
CA SER A 136 -17.19 10.42 -1.18
C SER A 136 -17.25 8.90 -1.16
N PHE A 137 -16.14 8.22 -1.52
CA PHE A 137 -16.18 6.80 -1.86
C PHE A 137 -14.88 6.07 -1.58
N ALA A 138 -13.82 6.48 -2.24
CA ALA A 138 -12.65 5.64 -2.27
C ALA A 138 -11.99 5.59 -0.89
N TYR A 139 -12.00 6.72 -0.17
CA TYR A 139 -11.44 6.74 1.18
C TYR A 139 -12.33 6.06 2.23
N PRO A 140 -13.63 6.41 2.31
CA PRO A 140 -14.42 5.88 3.43
C PRO A 140 -14.60 4.37 3.47
N LEU A 141 -14.54 3.72 2.30
CA LEU A 141 -14.79 2.29 2.24
C LEU A 141 -13.67 1.49 2.98
N PRO A 142 -12.40 1.66 2.58
CA PRO A 142 -11.31 0.88 3.21
C PRO A 142 -11.22 1.06 4.71
N ILE A 143 -11.21 2.33 5.13
CA ILE A 143 -11.10 2.68 6.54
C ILE A 143 -12.24 2.00 7.31
N THR A 144 -13.47 2.11 6.82
CA THR A 144 -14.63 1.49 7.51
C THR A 144 -14.41 0.01 7.64
N VAL A 145 -13.97 -0.61 6.55
CA VAL A 145 -13.79 -2.05 6.59
C VAL A 145 -12.71 -2.47 7.57
N ILE A 146 -11.55 -1.82 7.53
CA ILE A 146 -10.45 -2.27 8.41
C ILE A 146 -10.73 -2.01 9.92
N CYS A 147 -11.34 -0.89 10.26
CA CYS A 147 -11.73 -0.63 11.67
C CYS A 147 -12.65 -1.70 12.26
N GLU A 148 -13.63 -2.11 11.44
CA GLU A 148 -14.61 -3.08 11.89
C GLU A 148 -14.01 -4.49 12.01
N LEU A 149 -13.14 -4.87 11.08
CA LEU A 149 -12.38 -6.13 11.17
C LEU A 149 -11.41 -6.19 12.39
N LEU A 150 -10.78 -5.06 12.67
CA LEU A 150 -9.95 -4.90 13.86
C LEU A 150 -10.77 -4.91 15.15
N GLY A 151 -11.96 -4.36 15.09
CA GLY A 151 -12.83 -4.30 16.24
C GLY A 151 -12.71 -2.99 16.97
N VAL A 152 -12.68 -1.93 16.19
CA VAL A 152 -12.54 -0.61 16.71
C VAL A 152 -13.35 0.28 15.79
N PRO A 153 -14.65 -0.10 15.57
CA PRO A 153 -15.52 0.59 14.60
C PRO A 153 -15.73 2.07 14.93
N ASP A 154 -15.69 2.39 16.22
CA ASP A 154 -16.07 3.69 16.69
C ASP A 154 -14.90 4.68 16.74
N ILE A 155 -13.78 4.39 16.07
CA ILE A 155 -12.69 5.36 16.06
C ILE A 155 -13.02 6.66 15.30
N ASP A 156 -12.22 7.66 15.61
CA ASP A 156 -12.26 8.97 14.99
C ASP A 156 -11.56 8.92 13.62
N ARG A 157 -12.35 8.73 12.55
CA ARG A 157 -11.85 8.61 11.18
C ARG A 157 -10.99 9.78 10.82
N VAL A 158 -11.57 10.96 11.02
CA VAL A 158 -11.01 12.19 10.52
C VAL A 158 -9.63 12.39 11.08
N THR A 159 -9.47 12.15 12.36
CA THR A 159 -8.18 12.40 13.02
C THR A 159 -7.18 11.34 12.61
N PHE A 160 -7.63 10.09 12.62
CA PHE A 160 -6.80 9.00 12.22
C PHE A 160 -6.26 9.20 10.78
N ARG A 161 -7.13 9.59 9.87
CA ARG A 161 -6.70 9.86 8.50
C ARG A 161 -5.61 10.93 8.43
N ALA A 162 -5.74 11.97 9.23
CA ALA A 162 -4.75 13.05 9.26
C ALA A 162 -3.41 12.59 9.86
N LEU A 163 -3.49 11.86 10.96
CA LEU A 163 -2.30 11.26 11.56
C LEU A 163 -1.64 10.35 10.55
N SER A 164 -2.44 9.42 10.03
CA SER A 164 -1.97 8.46 9.05
C SER A 164 -1.42 9.12 7.79
N ASN A 165 -2.06 10.19 7.33
CA ASN A 165 -1.64 10.90 6.11
C ASN A 165 -0.23 11.37 6.28
N GLU A 166 0.03 12.09 7.37
CA GLU A 166 1.36 12.54 7.71
C GLU A 166 2.37 11.35 7.75
N ILE A 167 2.07 10.33 8.55
CA ILE A 167 2.97 9.19 8.73
C ILE A 167 3.44 8.60 7.43
N VAL A 168 2.52 8.45 6.48
CA VAL A 168 2.79 7.73 5.24
C VAL A 168 3.42 8.64 4.17
N ALA A 169 2.97 9.90 4.06
CA ALA A 169 3.57 10.91 3.15
C ALA A 169 3.99 12.20 3.93
N PRO A 170 5.10 12.12 4.70
CA PRO A 170 5.42 13.20 5.64
C PRO A 170 5.79 14.55 4.99
N THR A 171 5.36 15.66 5.61
CA THR A 171 5.67 17.02 5.17
C THR A 171 6.91 17.57 5.90
N GLY A 172 6.77 17.91 7.19
CA GLY A 172 7.93 18.28 8.05
C GLY A 172 8.35 17.12 8.95
N GLY A 173 9.60 17.14 9.42
CA GLY A 173 10.09 16.20 10.44
C GLY A 173 9.51 16.33 11.85
N ASP A 174 8.96 17.50 12.17
CA ASP A 174 8.35 17.74 13.48
C ASP A 174 6.90 17.33 13.47
N ALA A 175 6.19 17.64 12.36
CA ALA A 175 4.84 17.14 12.09
C ALA A 175 4.80 15.61 11.96
N GLU A 176 5.83 15.02 11.35
CA GLU A 176 6.00 13.55 11.31
C GLU A 176 6.09 12.98 12.72
N LEU A 177 7.02 13.48 13.51
CA LEU A 177 7.12 13.08 14.93
C LEU A 177 5.84 13.26 15.71
N ALA A 178 5.15 14.38 15.46
CA ALA A 178 3.90 14.72 16.13
C ALA A 178 2.84 13.67 15.90
N ALA A 179 2.70 13.32 14.62
CA ALA A 179 1.77 12.27 14.18
C ALA A 179 1.97 10.94 14.92
N TYR A 180 3.21 10.47 14.94
CA TYR A 180 3.57 9.17 15.55
C TYR A 180 3.26 9.15 17.02
N GLU A 181 3.62 10.21 17.74
CA GLU A 181 3.33 10.24 19.19
C GLU A 181 1.86 10.17 19.44
N ARG A 182 1.12 10.99 18.70
CA ARG A 182 -0.34 11.01 18.87
C ARG A 182 -1.03 9.72 18.49
N LEU A 183 -0.55 9.06 17.44
CA LEU A 183 -1.14 7.79 17.02
C LEU A 183 -0.79 6.65 17.99
N ALA A 184 0.46 6.60 18.44
CA ALA A 184 0.86 5.66 19.51
C ALA A 184 0.01 5.81 20.74
N ALA A 185 -0.26 7.06 21.13
CA ALA A 185 -1.12 7.31 22.30
C ALA A 185 -2.56 6.86 22.03
N TYR A 186 -3.05 7.22 20.86
CA TYR A 186 -4.40 6.85 20.50
C TYR A 186 -4.58 5.34 20.48
N LEU A 187 -3.59 4.63 19.99
CA LEU A 187 -3.68 3.19 19.91
C LEU A 187 -3.53 2.49 21.25
N ASP A 188 -2.66 3.00 22.11
CA ASP A 188 -2.59 2.53 23.49
C ASP A 188 -3.97 2.63 24.11
N GLU A 189 -4.61 3.79 23.96
CA GLU A 189 -5.94 4.01 24.53
C GLU A 189 -7.00 3.04 23.98
N LEU A 190 -6.99 2.82 22.66
CA LEU A 190 -7.96 1.90 22.03
C LEU A 190 -7.76 0.46 22.46
N ILE A 191 -6.50 0.09 22.72
CA ILE A 191 -6.18 -1.25 23.20
C ILE A 191 -6.71 -1.40 24.63
N ASP A 192 -6.52 -0.37 25.45
CA ASP A 192 -7.06 -0.36 26.80
C ASP A 192 -8.58 -0.37 26.83
N ASP A 193 -9.24 0.38 25.94
CA ASP A 193 -10.70 0.22 25.75
C ASP A 193 -11.16 -1.22 25.54
N LYS A 194 -10.49 -1.92 24.62
CA LYS A 194 -10.86 -3.31 24.33
C LYS A 194 -10.66 -4.24 25.52
N ARG A 195 -9.59 -3.99 26.27
CA ARG A 195 -9.28 -4.71 27.51
C ARG A 195 -10.31 -4.49 28.62
N SER A 196 -10.95 -3.32 28.64
CA SER A 196 -12.03 -2.97 29.58
C SER A 196 -13.43 -3.42 29.17
N THR A 197 -13.57 -4.04 28.01
CA THR A 197 -14.86 -4.58 27.59
C THR A 197 -14.80 -6.10 27.71
N ALA A 198 -15.98 -6.72 27.77
CA ALA A 198 -16.11 -8.16 27.64
C ALA A 198 -15.38 -8.64 26.38
N PRO A 199 -14.83 -9.87 26.42
CA PRO A 199 -14.10 -10.42 25.28
C PRO A 199 -14.86 -10.34 23.96
N ALA A 200 -14.14 -9.95 22.92
CA ALA A 200 -14.73 -9.57 21.65
C ALA A 200 -14.09 -10.43 20.57
N ASP A 201 -14.93 -10.89 19.63
CA ASP A 201 -14.52 -11.83 18.57
C ASP A 201 -14.17 -11.06 17.29
N ASP A 202 -12.99 -10.46 17.33
CA ASP A 202 -12.40 -9.75 16.20
C ASP A 202 -10.90 -9.91 16.30
N LEU A 203 -10.17 -9.32 15.36
CA LEU A 203 -8.76 -9.59 15.26
C LEU A 203 -8.00 -9.03 16.43
N LEU A 204 -8.35 -7.82 16.81
CA LEU A 204 -7.62 -7.15 17.88
C LEU A 204 -7.83 -7.85 19.22
N GLY A 205 -9.09 -8.18 19.54
CA GLY A 205 -9.42 -9.06 20.66
C GLY A 205 -8.60 -10.34 20.71
N ASP A 206 -8.47 -10.96 19.55
CA ASP A 206 -7.69 -12.19 19.41
C ASP A 206 -6.20 -11.95 19.76
N LEU A 207 -5.65 -10.86 19.24
CA LEU A 207 -4.30 -10.45 19.59
C LEU A 207 -4.14 -10.12 21.07
N ILE A 208 -5.12 -9.42 21.66
CA ILE A 208 -5.05 -9.09 23.08
C ILE A 208 -4.88 -10.38 23.88
N ARG A 209 -5.76 -11.34 23.61
CA ARG A 209 -5.80 -12.59 24.31
C ARG A 209 -4.50 -13.37 24.17
N THR A 210 -4.00 -13.47 22.95
CA THR A 210 -2.73 -14.14 22.67
C THR A 210 -1.60 -13.62 23.52
N ARG A 211 -1.51 -12.31 23.68
CA ARG A 211 -0.42 -11.72 24.49
C ARG A 211 -0.51 -12.08 25.98
N ALA A 212 -1.74 -12.10 26.50
CA ALA A 212 -2.00 -12.46 27.88
C ALA A 212 -1.71 -13.95 28.16
N GLU A 213 -2.06 -14.80 27.21
CA GLU A 213 -1.75 -16.23 27.28
C GLU A 213 -0.24 -16.54 27.25
N ASP A 214 0.54 -15.71 26.54
CA ASP A 214 2.00 -15.84 26.44
C ASP A 214 2.68 -14.54 25.93
N ASP A 215 3.11 -13.75 26.91
CA ASP A 215 3.98 -12.58 26.74
C ASP A 215 5.14 -12.77 25.70
N ASP A 216 5.77 -13.94 25.67
CA ASP A 216 6.86 -14.23 24.71
C ASP A 216 6.43 -14.50 23.24
N ARG A 217 5.14 -14.78 23.03
CA ARG A 217 4.57 -14.90 21.68
C ARG A 217 4.29 -13.52 21.08
N LEU A 218 3.97 -12.57 21.96
CA LEU A 218 3.61 -11.24 21.56
C LEU A 218 3.75 -10.24 22.69
N SER A 219 4.74 -9.38 22.59
CA SER A 219 4.96 -8.30 23.55
C SER A 219 3.97 -7.16 23.34
N GLY A 220 3.87 -6.29 24.35
CA GLY A 220 2.93 -5.18 24.34
C GLY A 220 3.31 -4.17 23.27
N GLU A 221 4.61 -4.07 23.03
CA GLU A 221 5.21 -3.24 22.00
C GLU A 221 4.74 -3.76 20.61
N GLU A 222 4.85 -5.07 20.42
CA GLU A 222 4.52 -5.71 19.15
C GLU A 222 3.01 -5.70 18.88
N LEU A 223 2.22 -5.79 19.95
CA LEU A 223 0.77 -5.67 19.87
C LEU A 223 0.35 -4.30 19.37
N ARG A 224 0.93 -3.26 19.94
CA ARG A 224 0.70 -1.88 19.47
C ARG A 224 1.09 -1.73 17.99
N ALA A 225 2.28 -2.23 17.66
CA ALA A 225 2.80 -2.06 16.32
C ALA A 225 2.01 -2.86 15.23
N MET A 226 1.41 -3.97 15.63
CA MET A 226 0.61 -4.74 14.70
C MET A 226 -0.64 -3.94 14.34
N ALA A 227 -1.25 -3.30 15.34
CA ALA A 227 -2.47 -2.57 15.13
C ALA A 227 -2.15 -1.35 14.26
N PHE A 228 -1.01 -0.75 14.53
CA PHE A 228 -0.49 0.33 13.70
C PHE A 228 -0.47 -0.07 12.25
N ILE A 229 0.23 -1.15 11.92
CA ILE A 229 0.42 -1.47 10.51
C ILE A 229 -0.87 -1.92 9.79
N LEU A 230 -1.70 -2.70 10.46
CA LEU A 230 -2.96 -3.14 9.88
C LEU A 230 -3.89 -1.94 9.59
N LEU A 231 -4.00 -0.99 10.51
CA LEU A 231 -4.85 0.19 10.30
C LEU A 231 -4.35 1.13 9.19
N VAL A 232 -3.03 1.35 9.15
CA VAL A 232 -2.42 2.30 8.24
C VAL A 232 -2.29 1.74 6.83
N ALA A 233 -1.81 0.52 6.68
CA ALA A 233 -1.81 -0.14 5.37
C ALA A 233 -3.24 -0.30 4.94
N GLY A 234 -4.04 -0.86 5.85
CA GLY A 234 -5.49 -1.07 5.71
C GLY A 234 -6.33 -0.01 5.03
N HIS A 235 -5.88 1.23 5.05
CA HIS A 235 -6.60 2.29 4.37
C HIS A 235 -5.76 3.06 3.31
N GLU A 236 -4.61 3.66 3.65
CA GLU A 236 -3.94 4.65 2.75
C GLU A 236 -3.61 4.19 1.32
N THR A 237 -3.90 2.94 1.02
CA THR A 237 -3.27 2.19 -0.02
C THR A 237 -4.32 1.48 -0.93
N THR A 238 -5.39 0.95 -0.34
CA THR A 238 -6.55 0.46 -1.06
C THR A 238 -7.33 1.63 -1.67
N VAL A 239 -7.41 2.70 -0.92
CA VAL A 239 -7.87 3.97 -1.43
C VAL A 239 -7.27 4.28 -2.79
N ASN A 240 -5.95 4.19 -2.89
CA ASN A 240 -5.25 4.52 -4.11
C ASN A 240 -5.47 3.51 -5.20
N LEU A 241 -5.60 2.26 -4.84
CA LEU A 241 -5.90 1.26 -5.84
C LEU A 241 -7.26 1.53 -6.47
N ILE A 242 -8.22 1.90 -5.65
CA ILE A 242 -9.54 2.19 -6.18
C ILE A 242 -9.45 3.44 -7.03
N THR A 243 -8.86 4.48 -6.49
CA THR A 243 -8.73 5.72 -7.21
C THR A 243 -7.93 5.55 -8.50
N ASN A 244 -6.78 4.92 -8.45
CA ASN A 244 -5.97 4.71 -9.65
C ASN A 244 -6.75 3.84 -10.67
N GLY A 245 -7.52 2.89 -10.15
CA GLY A 245 -8.37 2.05 -10.97
C GLY A 245 -9.33 2.87 -11.79
N VAL A 246 -10.07 3.75 -11.13
CA VAL A 246 -11.09 4.55 -11.82
C VAL A 246 -10.43 5.49 -12.84
N HIS A 247 -9.36 6.13 -12.40
CA HIS A 247 -8.62 7.09 -13.21
C HIS A 247 -8.08 6.47 -14.45
N THR A 248 -7.53 5.29 -14.30
CA THR A 248 -6.94 4.59 -15.42
C THR A 248 -7.97 4.03 -16.38
N LEU A 249 -9.10 3.58 -15.87
CA LEU A 249 -10.19 3.15 -16.71
C LEU A 249 -10.75 4.33 -17.49
N LEU A 250 -11.07 5.41 -16.76
CA LEU A 250 -11.63 6.57 -17.40
C LEU A 250 -10.65 7.32 -18.27
N THR A 251 -9.33 7.13 -18.18
CA THR A 251 -8.45 7.67 -19.20
C THR A 251 -8.10 6.70 -20.36
N HIS A 252 -8.57 5.46 -20.30
CA HIS A 252 -8.41 4.47 -21.39
C HIS A 252 -9.80 3.95 -21.68
N PRO A 253 -10.63 4.78 -22.35
CA PRO A 253 -12.04 4.41 -22.55
C PRO A 253 -12.32 3.18 -23.40
N ASP A 254 -11.37 2.70 -24.19
CA ASP A 254 -11.55 1.38 -24.86
C ASP A 254 -11.45 0.21 -23.90
N GLN A 255 -10.57 0.31 -22.91
CA GLN A 255 -10.52 -0.70 -21.86
C GLN A 255 -11.78 -0.66 -21.01
N LEU A 256 -12.20 0.54 -20.64
CA LEU A 256 -13.46 0.69 -19.93
C LEU A 256 -14.64 0.12 -20.75
N ALA A 257 -14.69 0.41 -22.04
CA ALA A 257 -15.73 -0.21 -22.90
C ALA A 257 -15.66 -1.72 -22.94
N ALA A 258 -14.45 -2.25 -23.09
CA ALA A 258 -14.25 -3.71 -23.10
C ALA A 258 -14.71 -4.35 -21.77
N LEU A 259 -14.33 -3.73 -20.65
CA LEU A 259 -14.83 -4.14 -19.35
C LEU A 259 -16.34 -4.08 -19.28
N ARG A 260 -16.94 -2.94 -19.60
CA ARG A 260 -18.42 -2.82 -19.50
C ARG A 260 -19.08 -3.90 -20.36
N ALA A 261 -18.50 -4.17 -21.53
CA ALA A 261 -19.03 -5.25 -22.43
C ALA A 261 -19.00 -6.65 -21.82
N ASP A 262 -17.93 -6.97 -21.07
CA ASP A 262 -17.72 -8.27 -20.37
C ASP A 262 -17.23 -8.02 -18.92
N MET A 263 -18.14 -8.02 -17.95
CA MET A 263 -17.77 -7.68 -16.56
C MET A 263 -16.96 -8.78 -15.89
N THR A 264 -17.07 -9.99 -16.41
CA THR A 264 -16.10 -11.07 -16.19
C THR A 264 -14.64 -10.64 -16.21
N LEU A 265 -14.29 -9.63 -17.00
CA LEU A 265 -12.89 -9.17 -17.07
C LEU A 265 -12.40 -8.41 -15.84
N LEU A 266 -13.29 -8.09 -14.88
CA LEU A 266 -12.95 -7.21 -13.75
C LEU A 266 -11.75 -7.62 -12.94
N ASP A 267 -11.68 -8.88 -12.51
CA ASP A 267 -10.62 -9.26 -11.57
C ASP A 267 -9.27 -9.03 -12.22
N GLY A 268 -9.17 -9.46 -13.47
CA GLY A 268 -7.97 -9.26 -14.23
C GLY A 268 -7.74 -7.81 -14.55
N ALA A 269 -8.79 -7.03 -14.74
CA ALA A 269 -8.60 -5.57 -14.89
C ALA A 269 -7.88 -4.96 -13.66
N VAL A 270 -8.25 -5.44 -12.48
CA VAL A 270 -7.69 -4.91 -11.26
C VAL A 270 -6.22 -5.29 -11.13
N GLU A 271 -5.90 -6.49 -11.59
CA GLU A 271 -4.52 -6.89 -11.65
C GLU A 271 -3.72 -5.97 -12.59
N GLU A 272 -4.31 -5.57 -13.70
CA GLU A 272 -3.56 -4.76 -14.68
C GLU A 272 -3.39 -3.33 -14.19
N VAL A 273 -4.29 -2.88 -13.33
CA VAL A 273 -4.07 -1.62 -12.64
C VAL A 273 -2.93 -1.74 -11.64
N LEU A 274 -2.88 -2.86 -10.92
CA LEU A 274 -1.79 -3.15 -10.03
C LEU A 274 -0.45 -3.09 -10.77
N ARG A 275 -0.38 -3.67 -11.95
CA ARG A 275 0.81 -3.54 -12.76
C ARG A 275 1.10 -2.10 -13.24
N PHE A 276 0.06 -1.43 -13.72
CA PHE A 276 0.22 -0.19 -14.48
C PHE A 276 0.48 0.98 -13.54
N GLU A 277 -0.36 1.12 -12.53
CA GLU A 277 -0.25 2.22 -11.56
C GLU A 277 -0.38 1.69 -10.13
N GLY A 278 0.63 0.93 -9.69
CA GLY A 278 0.58 0.27 -8.40
C GLY A 278 0.69 1.29 -7.29
N PRO A 279 -0.19 1.24 -6.28
CA PRO A 279 -0.16 2.26 -5.23
C PRO A 279 1.14 2.37 -4.44
N VAL A 280 1.83 1.27 -4.20
CA VAL A 280 3.13 1.31 -3.55
C VAL A 280 4.20 1.28 -4.64
N GLU A 281 4.88 2.39 -4.77
CA GLU A 281 5.75 2.68 -5.90
C GLU A 281 7.10 2.02 -5.68
N THR A 282 7.67 2.28 -4.50
CA THR A 282 8.89 1.62 -4.07
C THR A 282 8.59 0.78 -2.80
N ALA A 283 9.19 -0.38 -2.71
CA ALA A 283 9.11 -1.21 -1.52
C ALA A 283 9.74 -0.55 -0.29
N THR A 284 9.51 -1.13 0.86
CA THR A 284 9.94 -0.54 2.11
C THR A 284 11.42 -0.89 2.45
N TYR A 285 11.86 -0.47 3.62
CA TYR A 285 13.28 -0.44 3.98
C TYR A 285 13.98 -1.81 3.90
N ARG A 286 15.01 -1.89 3.08
CA ARG A 286 15.94 -2.98 3.09
C ARG A 286 17.37 -2.43 3.04
N TYR A 287 18.28 -3.18 3.63
CA TYR A 287 19.70 -2.97 3.42
C TYR A 287 20.40 -4.33 3.30
N ALA A 288 21.60 -4.29 2.74
CA ALA A 288 22.44 -5.48 2.61
C ALA A 288 22.98 -5.94 3.98
N ALA A 289 22.57 -7.14 4.39
CA ALA A 289 23.10 -7.76 5.62
C ALA A 289 24.55 -8.17 5.45
N GLU A 290 24.92 -8.45 4.20
CA GLU A 290 26.26 -8.78 3.84
C GLU A 290 26.53 -8.26 2.44
N SER A 291 27.79 -8.24 2.05
CA SER A 291 28.15 -7.85 0.70
C SER A 291 27.58 -8.82 -0.31
N MET A 292 27.15 -8.29 -1.45
CA MET A 292 26.42 -9.09 -2.45
C MET A 292 26.33 -8.35 -3.80
N GLU A 293 25.63 -8.96 -4.77
CA GLU A 293 25.44 -8.39 -6.12
C GLU A 293 24.01 -8.47 -6.64
N ILE A 294 23.61 -7.44 -7.40
CA ILE A 294 22.33 -7.39 -8.13
C ILE A 294 22.66 -7.20 -9.59
N GLY A 295 22.37 -8.23 -10.39
CA GLY A 295 22.67 -8.22 -11.82
C GLY A 295 24.07 -7.71 -12.10
N GLY A 296 25.04 -8.22 -11.35
CA GLY A 296 26.44 -7.82 -11.49
C GLY A 296 26.81 -6.39 -11.12
N THR A 297 26.23 -5.87 -10.04
CA THR A 297 26.69 -4.60 -9.44
C THR A 297 26.98 -4.86 -7.98
N ALA A 298 28.14 -4.40 -7.53
CA ALA A 298 28.59 -4.68 -6.17
C ALA A 298 27.82 -3.82 -5.16
N ILE A 299 27.24 -4.48 -4.15
CA ILE A 299 26.50 -3.80 -3.07
C ILE A 299 27.15 -4.13 -1.74
N ALA A 300 27.50 -3.06 -1.03
CA ALA A 300 28.21 -3.13 0.24
C ALA A 300 27.29 -3.44 1.42
N GLU A 301 27.82 -4.18 2.39
CA GLU A 301 27.17 -4.44 3.65
C GLU A 301 26.70 -3.13 4.24
N GLY A 302 25.40 -3.06 4.56
CA GLY A 302 24.78 -1.83 5.09
C GLY A 302 24.22 -0.86 4.06
N ASP A 303 24.45 -1.12 2.77
CA ASP A 303 23.88 -0.25 1.75
C ASP A 303 22.34 -0.44 1.81
N PRO A 304 21.59 0.68 1.79
CA PRO A 304 20.14 0.62 1.56
C PRO A 304 19.78 0.19 0.16
N VAL A 305 18.75 -0.66 0.04
CA VAL A 305 18.23 -1.08 -1.26
C VAL A 305 16.73 -0.82 -1.36
N MET A 306 16.35 0.03 -2.31
CA MET A 306 14.95 0.38 -2.61
C MET A 306 14.55 -0.36 -3.88
N ILE A 307 13.45 -1.06 -3.84
CA ILE A 307 13.00 -1.89 -4.96
C ILE A 307 11.83 -1.20 -5.60
N GLY A 308 12.02 -0.74 -6.84
CA GLY A 308 10.97 -0.02 -7.58
C GLY A 308 9.93 -1.03 -8.09
N LEU A 309 8.87 -1.20 -7.32
CA LEU A 309 7.77 -2.11 -7.71
C LEU A 309 7.09 -1.63 -8.98
N ASP A 310 6.82 -0.34 -9.08
CA ASP A 310 6.15 0.17 -10.26
C ASP A 310 7.07 0.23 -11.48
N ALA A 311 8.36 0.46 -11.25
CA ALA A 311 9.35 0.42 -12.33
C ALA A 311 9.42 -0.99 -12.89
N ALA A 312 9.36 -1.98 -12.00
CA ALA A 312 9.31 -3.37 -12.41
C ALA A 312 8.05 -3.67 -13.23
N GLY A 313 6.93 -3.14 -12.78
CA GLY A 313 5.68 -3.24 -13.53
C GLY A 313 5.73 -2.71 -14.95
N ARG A 314 6.65 -1.81 -15.26
CA ARG A 314 6.77 -1.30 -16.64
C ARG A 314 8.06 -1.70 -17.35
N ASP A 315 8.77 -2.70 -16.82
CA ASP A 315 9.89 -3.31 -17.51
C ASP A 315 9.39 -4.06 -18.77
N PRO A 316 9.81 -3.61 -19.98
CA PRO A 316 9.37 -4.33 -21.19
C PRO A 316 9.91 -5.76 -21.35
N ALA A 317 11.01 -6.07 -20.67
CA ALA A 317 11.52 -7.45 -20.62
C ALA A 317 10.54 -8.48 -20.00
N ARG A 318 9.66 -8.03 -19.10
CA ARG A 318 8.65 -8.85 -18.45
C ARG A 318 7.28 -8.65 -19.05
N HIS A 319 6.95 -7.39 -19.32
CA HIS A 319 5.63 -6.98 -19.71
C HIS A 319 5.71 -6.29 -21.07
N PRO A 320 5.48 -7.07 -22.14
CA PRO A 320 5.44 -6.46 -23.47
C PRO A 320 4.45 -5.26 -23.53
N ASP A 321 4.83 -4.22 -24.31
CA ASP A 321 4.11 -2.96 -24.44
C ASP A 321 3.74 -2.46 -23.05
N PRO A 322 4.76 -2.13 -22.26
CA PRO A 322 4.54 -1.94 -20.84
C PRO A 322 3.70 -0.72 -20.53
N HIS A 323 3.77 0.28 -21.39
CA HIS A 323 2.99 1.49 -21.20
C HIS A 323 1.55 1.39 -21.79
N VAL A 324 1.14 0.19 -22.20
CA VAL A 324 -0.21 -0.04 -22.69
C VAL A 324 -1.00 -0.69 -21.57
N PHE A 325 -2.11 -0.05 -21.22
CA PHE A 325 -3.01 -0.53 -20.23
C PHE A 325 -3.98 -1.43 -20.94
N ASP A 326 -3.89 -2.74 -20.69
CA ASP A 326 -4.66 -3.75 -21.43
C ASP A 326 -5.29 -4.67 -20.43
N ILE A 327 -6.61 -4.58 -20.27
CA ILE A 327 -7.25 -5.41 -19.27
C ILE A 327 -7.16 -6.91 -19.56
N HIS A 328 -7.05 -7.33 -20.83
CA HIS A 328 -6.91 -8.76 -21.14
C HIS A 328 -5.62 -9.40 -20.76
N ARG A 329 -4.61 -8.59 -20.49
CA ARG A 329 -3.29 -9.05 -20.05
C ARG A 329 -3.38 -9.81 -18.75
N ALA A 330 -4.28 -9.39 -17.85
CA ALA A 330 -4.53 -10.05 -16.55
C ALA A 330 -3.24 -10.57 -15.89
N PRO A 331 -2.23 -9.70 -15.76
CA PRO A 331 -0.86 -10.10 -15.41
C PRO A 331 -0.79 -10.86 -14.10
N GLN A 332 -0.24 -12.07 -14.15
CA GLN A 332 -0.10 -12.92 -12.97
C GLN A 332 1.21 -12.64 -12.28
N GLY A 333 2.12 -11.92 -12.88
CA GLY A 333 3.45 -11.79 -12.28
C GLY A 333 3.96 -10.44 -11.84
N HIS A 334 3.12 -9.41 -11.68
CA HIS A 334 3.59 -8.10 -11.20
C HIS A 334 4.05 -8.17 -9.73
N LEU A 335 4.72 -7.12 -9.28
CA LEU A 335 5.26 -7.04 -7.90
C LEU A 335 4.56 -5.97 -7.05
N ALA A 336 3.36 -5.56 -7.44
CA ALA A 336 2.58 -4.55 -6.71
C ALA A 336 2.35 -4.84 -5.23
N PHE A 337 2.24 -6.14 -4.93
CA PHE A 337 2.10 -6.69 -3.59
C PHE A 337 3.38 -7.30 -3.04
N GLY A 338 4.51 -7.02 -3.68
CA GLY A 338 5.79 -7.57 -3.29
C GLY A 338 5.96 -9.01 -3.71
N HIS A 339 6.91 -9.67 -3.05
CA HIS A 339 7.26 -11.05 -3.37
C HIS A 339 8.13 -11.60 -2.26
N GLY A 340 7.80 -12.80 -1.83
CA GLY A 340 8.64 -13.48 -0.86
C GLY A 340 7.94 -13.54 0.46
N ILE A 341 8.74 -13.63 1.50
CA ILE A 341 8.20 -13.81 2.83
C ILE A 341 7.39 -12.59 3.30
N HIS A 342 7.71 -11.40 2.81
CA HIS A 342 6.91 -10.19 3.15
C HIS A 342 5.75 -9.85 2.21
N TYR A 343 5.41 -10.78 1.32
CA TYR A 343 4.31 -10.58 0.41
C TYR A 343 3.10 -10.05 1.17
N CYS A 344 2.48 -8.97 0.65
CA CYS A 344 1.36 -8.25 1.31
C CYS A 344 0.35 -9.20 1.95
N LEU A 345 0.12 -8.96 3.24
CA LEU A 345 -0.83 -9.69 4.04
C LEU A 345 -2.25 -9.37 3.61
N GLY A 346 -2.44 -8.11 3.21
CA GLY A 346 -3.74 -7.60 2.88
C GLY A 346 -4.15 -7.82 1.46
N ALA A 347 -3.37 -8.53 0.66
CA ALA A 347 -3.69 -8.59 -0.78
C ALA A 347 -5.07 -9.14 -1.11
N PRO A 348 -5.46 -10.25 -0.47
CA PRO A 348 -6.83 -10.73 -0.71
C PRO A 348 -7.94 -9.73 -0.34
N LEU A 349 -7.77 -9.04 0.79
CA LEU A 349 -8.72 -8.01 1.23
C LEU A 349 -8.79 -6.77 0.34
N ALA A 350 -7.64 -6.25 -0.03
CA ALA A 350 -7.57 -5.14 -0.95
C ALA A 350 -8.19 -5.47 -2.30
N ARG A 351 -7.90 -6.67 -2.82
CA ARG A 351 -8.51 -7.13 -4.07
C ARG A 351 -10.04 -7.14 -3.97
N LEU A 352 -10.54 -7.70 -2.88
CA LEU A 352 -11.98 -7.81 -2.68
C LEU A 352 -12.68 -6.45 -2.64
N GLU A 353 -12.12 -5.55 -1.85
CA GLU A 353 -12.63 -4.20 -1.69
C GLU A 353 -12.66 -3.48 -3.01
N ALA A 354 -11.55 -3.49 -3.71
CA ALA A 354 -11.48 -2.84 -5.01
C ALA A 354 -12.41 -3.51 -6.01
N ARG A 355 -12.52 -4.83 -5.94
CA ARG A 355 -13.41 -5.58 -6.85
C ARG A 355 -14.85 -5.12 -6.65
N VAL A 356 -15.28 -5.10 -5.41
CA VAL A 356 -16.65 -4.72 -5.05
C VAL A 356 -16.91 -3.25 -5.36
N ALA A 357 -15.98 -2.39 -4.99
CA ALA A 357 -16.11 -0.95 -5.26
C ALA A 357 -16.26 -0.62 -6.74
N LEU A 358 -15.35 -1.14 -7.54
CA LEU A 358 -15.36 -0.89 -8.98
C LEU A 358 -16.60 -1.42 -9.66
N ARG A 359 -17.02 -2.65 -9.33
CA ARG A 359 -18.23 -3.20 -9.95
C ARG A 359 -19.47 -2.43 -9.58
N SER A 360 -19.59 -2.05 -8.32
CA SER A 360 -20.78 -1.38 -7.88
C SER A 360 -20.78 0.01 -8.48
N LEU A 361 -19.66 0.71 -8.39
CA LEU A 361 -19.59 2.05 -9.00
C LEU A 361 -19.91 2.08 -10.49
N LEU A 362 -19.37 1.11 -11.22
CA LEU A 362 -19.58 1.00 -12.65
C LEU A 362 -21.03 0.65 -13.00
N GLU A 363 -21.62 -0.30 -12.30
CA GLU A 363 -23.02 -0.67 -12.60
C GLU A 363 -23.99 0.48 -12.28
N ARG A 364 -23.66 1.30 -11.28
CA ARG A 364 -24.53 2.36 -10.86
C ARG A 364 -24.23 3.68 -11.48
N CYS A 365 -23.10 3.83 -12.16
CA CYS A 365 -22.84 5.02 -12.98
C CYS A 365 -22.45 4.63 -14.41
N PRO A 366 -23.42 4.28 -15.27
CA PRO A 366 -23.12 3.93 -16.68
C PRO A 366 -22.46 5.04 -17.52
N ASP A 367 -22.67 6.31 -17.18
CA ASP A 367 -22.03 7.38 -17.94
C ASP A 367 -20.98 8.08 -17.11
N LEU A 368 -20.40 7.36 -16.17
CA LEU A 368 -19.32 7.90 -15.39
C LEU A 368 -18.27 8.50 -16.31
N ALA A 369 -17.74 9.64 -15.89
CA ALA A 369 -16.70 10.38 -16.61
C ALA A 369 -15.89 11.21 -15.63
N LEU A 370 -14.69 11.53 -16.04
CA LEU A 370 -13.81 12.42 -15.31
C LEU A 370 -14.34 13.85 -15.44
N ASP A 371 -14.36 14.61 -14.34
CA ASP A 371 -14.87 15.98 -14.33
C ASP A 371 -13.73 16.99 -14.15
N GLY A 372 -12.63 16.76 -14.82
CA GLY A 372 -11.52 17.69 -14.77
C GLY A 372 -10.28 16.98 -14.31
N PRO A 373 -9.17 17.70 -14.31
CA PRO A 373 -7.93 17.09 -13.87
C PRO A 373 -7.97 16.75 -12.38
N PRO A 374 -7.23 15.70 -12.00
CA PRO A 374 -7.22 15.23 -10.64
C PRO A 374 -6.34 16.10 -9.76
N GLY A 375 -6.41 15.87 -8.46
CA GLY A 375 -5.79 16.71 -7.45
C GLY A 375 -4.32 16.41 -7.32
N ALA A 376 -3.74 16.97 -6.27
CA ALA A 376 -2.29 16.90 -6.07
C ALA A 376 -1.84 15.49 -5.69
N ARG A 377 -0.78 15.05 -6.36
CA ARG A 377 -0.07 13.82 -6.02
C ARG A 377 0.72 14.03 -4.75
N PRO A 378 0.70 13.04 -3.83
CA PRO A 378 1.55 13.20 -2.66
C PRO A 378 3.04 13.16 -3.06
N PRO A 379 3.84 14.05 -2.48
CA PRO A 379 5.29 13.86 -2.55
C PRO A 379 5.72 12.72 -1.62
N GLY A 380 6.86 12.13 -1.96
CA GLY A 380 7.17 10.77 -1.55
C GLY A 380 6.90 9.99 -2.83
N MET A 381 7.98 9.54 -3.46
CA MET A 381 7.88 8.62 -4.59
C MET A 381 7.84 7.17 -4.03
N LEU A 382 7.23 7.02 -2.86
CA LEU A 382 6.91 5.77 -2.24
C LEU A 382 5.46 5.37 -2.53
N ILE A 383 4.60 6.36 -2.84
CA ILE A 383 3.17 6.17 -3.12
C ILE A 383 2.82 6.67 -4.52
N ARG A 384 1.95 5.95 -5.23
CA ARG A 384 1.29 6.46 -6.42
C ARG A 384 -0.22 6.62 -6.29
N GLY A 385 -0.67 7.86 -6.47
CA GLY A 385 -2.09 8.16 -6.39
C GLY A 385 -2.31 9.64 -6.37
N VAL A 386 -3.57 10.03 -6.25
CA VAL A 386 -3.96 11.42 -6.26
C VAL A 386 -4.85 11.69 -5.10
N ARG A 387 -4.57 12.80 -4.40
CA ARG A 387 -5.41 13.31 -3.32
C ARG A 387 -6.87 13.48 -3.72
N ARG A 388 -7.13 13.93 -4.93
CA ARG A 388 -8.51 14.11 -5.36
C ARG A 388 -8.79 13.66 -6.78
N LEU A 389 -10.01 13.17 -7.00
CA LEU A 389 -10.44 12.72 -8.32
C LEU A 389 -11.88 13.14 -8.60
N PRO A 390 -12.06 14.32 -9.20
CA PRO A 390 -13.41 14.78 -9.47
C PRO A 390 -14.01 14.01 -10.63
N VAL A 391 -15.22 13.50 -10.44
CA VAL A 391 -15.93 12.73 -11.47
C VAL A 391 -17.39 13.20 -11.55
N ARG A 392 -18.04 12.85 -12.65
CA ARG A 392 -19.46 13.13 -12.88
C ARG A 392 -20.05 11.86 -13.51
N TRP A 393 -21.38 11.79 -13.55
CA TRP A 393 -22.10 10.60 -14.03
C TRP A 393 -23.52 10.99 -14.38
#